data_6PPA
#
_entry.id   6PPA
#
_cell.length_a   71.300
_cell.length_b   99.360
_cell.length_c   37.830
_cell.angle_alpha   90.000
_cell.angle_beta   90.000
_cell.angle_gamma   90.000
#
_symmetry.space_group_name_H-M   'C 2 2 21'
#
loop_
_entity.id
_entity.type
_entity.pdbx_description
1 polymer 'Bromodomain-containing protein 7'
2 non-polymer 'PHOSPHATE ION'
3 non-polymer 1,2-ETHANEDIOL
4 water water
#
_entity_poly.entity_id   1
_entity_poly.type   'polypeptide(L)'
_entity_poly.pdbx_seq_one_letter_code
;ESEVEQTPLQEALNQLMRQLQRKDPSAFFSFPVTDFIAPGYSMIIKHPMDFSTMKEKIKNNDYQSIEELKDNFKLMCTNA
MIYNKPETIYYKAAKKLLHSGMKILSQERIQSLKQSIDFMADL
;
_entity_poly.pdbx_strand_id   A
#
loop_
_chem_comp.id
_chem_comp.type
_chem_comp.name
_chem_comp.formula
EDO non-polymer 1,2-ETHANEDIOL 'C2 H6 O2'
PO4 non-polymer 'PHOSPHATE ION' 'O4 P -3'
#
# COMPACT_ATOMS: atom_id res chain seq x y z
N GLU A 5 -3.59 -18.62 13.12
CA GLU A 5 -3.26 -19.07 11.77
C GLU A 5 -3.95 -18.19 10.72
N GLN A 6 -3.31 -18.04 9.57
CA GLN A 6 -3.77 -17.10 8.56
C GLN A 6 -4.21 -17.84 7.31
N THR A 7 -5.07 -17.17 6.52
CA THR A 7 -5.55 -17.71 5.26
C THR A 7 -4.50 -17.54 4.17
N PRO A 8 -4.57 -18.35 3.11
CA PRO A 8 -3.70 -18.09 1.95
C PRO A 8 -3.78 -16.66 1.44
N LEU A 9 -4.95 -16.04 1.45
CA LEU A 9 -5.04 -14.66 1.00
C LEU A 9 -4.26 -13.74 1.93
N GLN A 10 -4.40 -13.92 3.24
CA GLN A 10 -3.63 -13.10 4.17
C GLN A 10 -2.14 -13.24 3.94
N GLU A 11 -1.66 -14.48 3.79
CA GLU A 11 -0.23 -14.68 3.60
C GLU A 11 0.26 -14.06 2.30
N ALA A 12 -0.53 -14.17 1.23
CA ALA A 12 -0.18 -13.51 -0.01
C ALA A 12 -0.09 -12.00 0.17
N LEU A 13 -1.06 -11.42 0.87
CA LEU A 13 -1.03 -9.97 1.07
C LEU A 13 0.20 -9.55 1.86
N ASN A 14 0.58 -10.33 2.88
CA ASN A 14 1.77 -10.01 3.68
C ASN A 14 3.04 -10.09 2.85
N GLN A 15 3.14 -11.10 1.96
CA GLN A 15 4.32 -11.21 1.11
C GLN A 15 4.44 -10.00 0.19
N LEU A 16 3.32 -9.55 -0.36
CA LEU A 16 3.33 -8.36 -1.20
C LEU A 16 3.71 -7.13 -0.39
N MET A 17 3.14 -7.01 0.82
CA MET A 17 3.45 -5.88 1.70
C MET A 17 4.95 -5.81 2.00
N ARG A 18 5.59 -6.96 2.26
CA ARG A 18 7.02 -6.96 2.56
C ARG A 18 7.83 -6.40 1.39
N GLN A 19 7.44 -6.74 0.16
CA GLN A 19 8.15 -6.23 -1.00
C GLN A 19 7.86 -4.75 -1.22
N LEU A 20 6.63 -4.32 -0.96
CA LEU A 20 6.30 -2.90 -1.08
C LEU A 20 7.09 -2.07 -0.09
N GLN A 21 7.20 -2.55 1.16
CA GLN A 21 7.86 -1.73 2.17
C GLN A 21 9.36 -1.65 1.94
N ARG A 22 9.95 -2.65 1.28
CA ARG A 22 11.37 -2.55 0.97
C ARG A 22 11.64 -1.42 0.00
N LYS A 23 10.64 -0.98 -0.75
CA LYS A 23 10.78 0.17 -1.63
C LYS A 23 10.63 1.51 -0.91
N ASP A 24 10.48 1.51 0.41
CA ASP A 24 10.36 2.72 1.22
C ASP A 24 11.42 2.70 2.32
N PRO A 25 12.71 2.60 1.97
CA PRO A 25 13.73 2.50 3.03
C PRO A 25 13.80 3.72 3.93
N SER A 26 13.34 4.89 3.49
CA SER A 26 13.33 6.08 4.35
C SER A 26 12.14 6.13 5.30
N ALA A 27 11.24 5.14 5.24
CA ALA A 27 10.09 5.06 6.14
C ALA A 27 9.15 6.26 5.97
N PHE A 28 9.06 6.81 4.75
CA PHE A 28 8.17 7.92 4.52
C PHE A 28 6.72 7.53 4.76
N PHE A 29 6.38 6.26 4.55
CA PHE A 29 4.99 5.81 4.58
C PHE A 29 4.75 4.77 5.67
N SER A 30 5.64 4.66 6.65
CA SER A 30 5.49 3.61 7.66
C SER A 30 4.28 3.85 8.56
N PHE A 31 4.01 5.10 8.93
CA PHE A 31 3.07 5.39 9.99
C PHE A 31 2.08 6.46 9.55
N PRO A 32 0.92 6.56 10.20
CA PRO A 32 -0.07 7.57 9.81
C PRO A 32 0.52 8.97 9.92
N VAL A 33 0.15 9.83 8.97
CA VAL A 33 0.61 11.21 8.99
C VAL A 33 -0.13 11.99 10.07
N THR A 34 0.62 12.71 10.91
CA THR A 34 0.03 13.53 11.95
C THR A 34 -0.02 14.99 11.52
N ASP A 35 -0.99 15.72 12.06
CA ASP A 35 -1.13 17.12 11.72
C ASP A 35 0.04 17.96 12.23
N PHE A 36 0.74 17.55 13.30
CA PHE A 36 1.85 18.40 13.72
C PHE A 36 3.03 18.25 12.78
N ILE A 37 3.15 17.09 12.13
CA ILE A 37 4.16 16.90 11.10
C ILE A 37 3.74 17.54 9.78
N ALA A 38 2.45 17.45 9.45
CA ALA A 38 1.92 17.94 8.19
C ALA A 38 0.71 18.81 8.49
N PRO A 39 0.91 20.08 8.82
CA PRO A 39 -0.22 20.94 9.19
C PRO A 39 -1.33 20.92 8.14
N GLY A 40 -2.56 20.86 8.61
CA GLY A 40 -3.73 20.82 7.75
C GLY A 40 -3.98 19.51 7.05
N TYR A 41 -3.13 18.50 7.26
CA TYR A 41 -3.25 17.24 6.54
C TYR A 41 -4.65 16.65 6.66
N SER A 42 -5.21 16.64 7.88
CA SER A 42 -6.51 16.02 8.10
C SER A 42 -7.64 16.79 7.43
N MET A 43 -7.41 18.08 7.09
CA MET A 43 -8.40 18.86 6.34
C MET A 43 -8.25 18.69 4.83
N ILE A 44 -7.06 18.34 4.36
CA ILE A 44 -6.78 18.24 2.93
C ILE A 44 -7.02 16.83 2.40
N ILE A 45 -6.61 15.82 3.15
CA ILE A 45 -6.63 14.43 2.70
C ILE A 45 -7.84 13.75 3.33
N LYS A 46 -8.78 13.30 2.48
CA LYS A 46 -10.04 12.75 2.99
C LYS A 46 -9.91 11.30 3.44
N HIS A 47 -8.98 10.53 2.87
CA HIS A 47 -8.83 9.11 3.20
C HIS A 47 -7.35 8.79 3.43
N PRO A 48 -6.84 9.06 4.62
CA PRO A 48 -5.44 8.74 4.91
C PRO A 48 -5.17 7.25 4.83
N MET A 49 -3.91 6.92 4.57
CA MET A 49 -3.46 5.54 4.49
C MET A 49 -1.95 5.49 4.72
N ASP A 50 -1.49 4.38 5.29
CA ASP A 50 -0.07 4.16 5.54
C ASP A 50 0.17 2.66 5.66
N PHE A 51 1.46 2.28 5.62
CA PHE A 51 1.82 0.86 5.66
C PHE A 51 1.36 0.18 6.94
N SER A 52 1.53 0.84 8.10
CA SER A 52 1.15 0.20 9.35
C SER A 52 -0.36 -0.07 9.40
N THR A 53 -1.16 0.84 8.83
CA THR A 53 -2.60 0.64 8.76
C THR A 53 -2.94 -0.52 7.83
N MET A 54 -2.28 -0.58 6.67
CA MET A 54 -2.47 -1.71 5.76
C MET A 54 -2.09 -3.02 6.43
N LYS A 55 -1.00 -3.02 7.21
CA LYS A 55 -0.58 -4.26 7.86
C LYS A 55 -1.62 -4.72 8.88
N GLU A 56 -2.19 -3.78 9.63
CA GLU A 56 -3.23 -4.14 10.59
C GLU A 56 -4.47 -4.66 9.89
N LYS A 57 -4.80 -4.08 8.72
CA LYS A 57 -5.97 -4.55 7.98
C LYS A 57 -5.79 -5.98 7.48
N ILE A 58 -4.57 -6.33 7.06
CA ILE A 58 -4.31 -7.72 6.69
C ILE A 58 -4.52 -8.63 7.90
N LYS A 59 -3.94 -8.26 9.03
CA LYS A 59 -4.01 -9.08 10.24
C LYS A 59 -5.45 -9.30 10.67
N ASN A 60 -6.28 -8.26 10.58
CA ASN A 60 -7.68 -8.33 11.00
C ASN A 60 -8.58 -8.95 9.94
N ASN A 61 -8.00 -9.44 8.84
CA ASN A 61 -8.76 -10.09 7.77
C ASN A 61 -9.81 -9.15 7.18
N ASP A 62 -9.43 -7.89 6.99
CA ASP A 62 -10.31 -6.87 6.45
C ASP A 62 -10.33 -6.82 4.92
N TYR A 63 -9.29 -7.35 4.27
CA TYR A 63 -9.20 -7.28 2.82
C TYR A 63 -9.93 -8.48 2.21
N GLN A 64 -10.77 -8.22 1.21
CA GLN A 64 -11.45 -9.29 0.49
C GLN A 64 -10.69 -9.76 -0.75
N SER A 65 -9.71 -8.98 -1.21
CA SER A 65 -9.07 -9.25 -2.48
C SER A 65 -7.73 -8.51 -2.49
N ILE A 66 -6.84 -8.97 -3.36
CA ILE A 66 -5.57 -8.26 -3.54
C ILE A 66 -5.82 -6.89 -4.16
N GLU A 67 -6.82 -6.77 -5.03
CA GLU A 67 -7.14 -5.48 -5.64
C GLU A 67 -7.45 -4.42 -4.58
N GLU A 68 -8.12 -4.82 -3.49
CA GLU A 68 -8.43 -3.86 -2.43
C GLU A 68 -7.16 -3.34 -1.75
N LEU A 69 -6.18 -4.21 -1.57
CA LEU A 69 -4.90 -3.75 -1.02
C LEU A 69 -4.19 -2.85 -2.03
N LYS A 70 -4.26 -3.21 -3.31
CA LYS A 70 -3.65 -2.39 -4.34
C LYS A 70 -4.26 -0.98 -4.37
N ASP A 71 -5.58 -0.89 -4.23
CA ASP A 71 -6.23 0.42 -4.15
C ASP A 71 -5.71 1.21 -2.95
N ASN A 72 -5.59 0.56 -1.79
CA ASN A 72 -5.07 1.26 -0.62
C ASN A 72 -3.63 1.74 -0.85
N PHE A 73 -2.81 0.92 -1.50
CA PHE A 73 -1.44 1.32 -1.75
C PHE A 73 -1.39 2.53 -2.68
N LYS A 74 -2.17 2.51 -3.75
CA LYS A 74 -2.23 3.66 -4.66
C LYS A 74 -2.67 4.91 -3.91
N LEU A 75 -3.68 4.77 -3.05
CA LEU A 75 -4.20 5.88 -2.26
C LEU A 75 -3.11 6.50 -1.39
N MET A 76 -2.31 5.65 -0.73
CA MET A 76 -1.25 6.16 0.12
C MET A 76 -0.27 7.01 -0.68
N CYS A 77 0.09 6.55 -1.87
CA CYS A 77 1.03 7.31 -2.70
C CYS A 77 0.39 8.58 -3.26
N THR A 78 -0.85 8.50 -3.73
CA THR A 78 -1.44 9.72 -4.31
C THR A 78 -1.76 10.75 -3.22
N ASN A 79 -2.05 10.31 -1.99
CA ASN A 79 -2.22 11.29 -0.91
C ASN A 79 -1.00 12.17 -0.75
N ALA A 80 0.19 11.58 -0.84
CA ALA A 80 1.42 12.37 -0.71
C ALA A 80 1.62 13.29 -1.90
N MET A 81 1.13 12.88 -3.08
CA MET A 81 1.22 13.74 -4.27
C MET A 81 0.20 14.86 -4.26
N ILE A 82 -0.86 14.75 -3.44
CA ILE A 82 -1.81 15.84 -3.26
C ILE A 82 -1.30 16.84 -2.24
N TYR A 83 -0.80 16.34 -1.11
CA TYR A 83 -0.42 17.24 -0.03
C TYR A 83 0.88 17.97 -0.32
N ASN A 84 1.83 17.31 -0.98
CA ASN A 84 3.16 17.87 -1.25
C ASN A 84 3.25 18.33 -2.70
N LYS A 85 3.99 19.42 -2.94
CA LYS A 85 4.09 19.94 -4.30
C LYS A 85 5.02 19.10 -5.16
N PRO A 86 4.87 19.14 -6.49
CA PRO A 86 5.67 18.27 -7.37
C PRO A 86 7.19 18.36 -7.21
N GLU A 87 7.75 19.52 -6.87
CA GLU A 87 9.20 19.64 -6.76
C GLU A 87 9.78 18.95 -5.53
N THR A 88 8.95 18.56 -4.57
CA THR A 88 9.44 18.21 -3.23
C THR A 88 9.97 16.78 -3.17
N ILE A 89 10.80 16.53 -2.15
CA ILE A 89 11.30 15.18 -1.92
C ILE A 89 10.14 14.21 -1.72
N TYR A 90 9.10 14.64 -1.01
CA TYR A 90 8.05 13.67 -0.67
C TYR A 90 7.19 13.34 -1.87
N TYR A 91 6.92 14.31 -2.73
CA TYR A 91 6.16 14.03 -3.95
C TYR A 91 6.95 13.09 -4.85
N LYS A 92 8.23 13.38 -5.07
CA LYS A 92 9.04 12.56 -5.97
C LYS A 92 9.17 11.14 -5.45
N ALA A 93 9.32 10.98 -4.14
CA ALA A 93 9.44 9.65 -3.57
C ALA A 93 8.12 8.90 -3.68
N ALA A 94 7.00 9.61 -3.54
CA ALA A 94 5.69 8.97 -3.64
C ALA A 94 5.45 8.48 -5.05
N LYS A 95 5.80 9.32 -6.04
CA LYS A 95 5.61 8.93 -7.42
C LYS A 95 6.48 7.73 -7.78
N LYS A 96 7.72 7.72 -7.28
CA LYS A 96 8.61 6.60 -7.55
C LYS A 96 8.12 5.33 -6.87
N LEU A 97 7.68 5.43 -5.62
CA LEU A 97 7.15 4.27 -4.92
C LEU A 97 5.91 3.74 -5.61
N LEU A 98 5.02 4.65 -6.03
CA LEU A 98 3.82 4.24 -6.76
C LEU A 98 4.20 3.41 -7.97
N HIS A 99 5.17 3.89 -8.75
CA HIS A 99 5.61 3.18 -9.96
CA HIS A 99 5.59 3.17 -9.95
C HIS A 99 6.20 1.83 -9.61
N SER A 100 7.05 1.76 -8.58
CA SER A 100 7.64 0.48 -8.18
C SER A 100 6.58 -0.47 -7.64
N GLY A 101 5.63 0.05 -6.86
CA GLY A 101 4.60 -0.80 -6.30
C GLY A 101 3.64 -1.38 -7.33
N MET A 102 3.43 -0.66 -8.43
CA MET A 102 2.56 -1.20 -9.47
C MET A 102 3.21 -2.39 -10.16
N LYS A 103 4.55 -2.45 -10.20
CA LYS A 103 5.22 -3.66 -10.66
C LYS A 103 5.06 -4.80 -9.65
N ILE A 104 5.17 -4.48 -8.36
CA ILE A 104 5.04 -5.50 -7.33
C ILE A 104 3.62 -6.05 -7.31
N LEU A 105 2.64 -5.19 -7.50
CA LEU A 105 1.23 -5.55 -7.52
C LEU A 105 0.73 -5.80 -8.94
N SER A 106 1.50 -6.50 -9.75
CA SER A 106 1.20 -6.64 -11.16
C SER A 106 -0.04 -7.52 -11.38
N GLN A 107 -0.72 -7.28 -12.50
CA GLN A 107 -1.84 -8.15 -12.87
C GLN A 107 -1.41 -9.60 -12.98
N GLU A 108 -0.18 -9.85 -13.43
CA GLU A 108 0.28 -11.23 -13.60
C GLU A 108 0.44 -11.93 -12.26
N ARG A 109 0.96 -11.22 -11.25
CA ARG A 109 1.02 -11.76 -9.91
C ARG A 109 -0.38 -11.97 -9.36
N ILE A 110 -1.27 -10.99 -9.53
CA ILE A 110 -2.61 -11.11 -8.98
C ILE A 110 -3.32 -12.32 -9.58
N GLN A 111 -3.20 -12.50 -10.90
CA GLN A 111 -3.83 -13.64 -11.58
C GLN A 111 -3.27 -14.97 -11.10
N SER A 112 -1.94 -15.04 -10.91
N SER A 112 -1.94 -15.03 -10.91
CA SER A 112 -1.33 -16.27 -10.42
CA SER A 112 -1.32 -16.26 -10.41
C SER A 112 -1.78 -16.58 -8.99
C SER A 112 -1.79 -16.57 -8.99
N LEU A 113 -1.82 -15.56 -8.14
CA LEU A 113 -2.22 -15.78 -6.75
C LEU A 113 -3.69 -16.15 -6.64
N LYS A 114 -4.55 -15.55 -7.46
CA LYS A 114 -5.97 -15.89 -7.45
C LYS A 114 -6.16 -17.39 -7.66
N GLN A 115 -5.45 -17.96 -8.62
CA GLN A 115 -5.60 -19.39 -8.89
C GLN A 115 -5.10 -20.23 -7.72
N SER A 116 -3.93 -19.89 -7.17
N SER A 116 -3.91 -19.91 -7.19
CA SER A 116 -3.38 -20.69 -6.08
CA SER A 116 -3.36 -20.66 -6.07
C SER A 116 -4.21 -20.54 -4.81
C SER A 116 -4.27 -20.55 -4.85
N ILE A 117 -4.75 -19.33 -4.57
CA ILE A 117 -5.63 -19.14 -3.41
C ILE A 117 -6.92 -19.97 -3.59
N ASP A 118 -7.50 -19.93 -4.78
CA ASP A 118 -8.71 -20.73 -5.06
C ASP A 118 -8.44 -22.21 -4.90
N PHE A 119 -7.28 -22.68 -5.38
CA PHE A 119 -7.00 -24.11 -5.31
C PHE A 119 -6.79 -24.58 -3.88
N MET A 120 -6.35 -23.68 -3.00
CA MET A 120 -6.09 -24.04 -1.62
C MET A 120 -7.33 -23.94 -0.75
N ALA A 121 -8.46 -23.50 -1.29
CA ALA A 121 -9.70 -23.36 -0.52
C ALA A 121 -10.16 -24.70 0.07
P PO4 B . 11.90 -0.80 -9.45
O1 PO4 B . 10.73 -0.10 -10.09
O2 PO4 B . 12.91 0.22 -9.01
O3 PO4 B . 12.53 -1.74 -10.45
O4 PO4 B . 11.42 -1.59 -8.26
C1 EDO C . 4.25 14.55 5.22
O1 EDO C . 4.90 15.61 4.52
C2 EDO C . 2.90 14.26 4.58
O2 EDO C . 3.07 13.79 3.23
C1 EDO D . 6.30 11.92 3.83
O1 EDO D . 6.15 10.99 4.91
C2 EDO D . 5.58 11.37 2.61
O2 EDO D . 4.21 11.13 2.93
#